data_4HKZ
#
_entry.id   4HKZ
#
_cell.length_a   53.520
_cell.length_b   104.670
_cell.length_c   117.550
_cell.angle_alpha   90.00
_cell.angle_beta   90.00
_cell.angle_gamma   90.00
#
_symmetry.space_group_name_H-M   'P 21 21 21'
#
loop_
_entity.id
_entity.type
_entity.pdbx_description
1 polymer 'Trastuzumab light chain'
2 polymer 'Trastuzumab heavy chain'
3 polymer 'Immunoglobulin G-binding protein A'
4 polymer 'Protein L fragment'
5 non-polymer 'CHLORIDE ION'
6 water water
#
loop_
_entity_poly.entity_id
_entity_poly.type
_entity_poly.pdbx_seq_one_letter_code
_entity_poly.pdbx_strand_id
1 'polypeptide(L)'
;DIQMTQSPSSLSASVGDRVTITCRASQDVNTAVAWYQQKPGKAPKLLIYSASFLYSGVPSRFSGSRSGTDFTLTISSLQP
EDFATYYCQQHYTTPPTFGQGTKVEIKRTVAAPSVFIFPPSDEQLKSGTASVVCLLNNFYPREAKVQWKVDNALQSGNSQ
ESVTEQDSKDSTYSLSSTLTLSKADYEKHKVYACEVTHQGLSSPVTKSFNRGE
;
A
2 'polypeptide(L)'
;EVQLVESGGGLVQPGGSLRLSCAASGFNIKDTYIHWVRQAPGKGLEWVARIYPTNGYTRYADSVKGRFTISADTSKNTAY
LQMNSLRAEDTAVYYCSRWGGDGFYAMDYWGQGTLVTVSSASTKGPSVFPLAPSSKSTSGGTAALGCLVKDYFPEPVTVS
WNSGALTSGVHTFPAVLQSSGLYSLSSVVTVPSSSLGTQTYICNVNHKPSNTKVDKKVEPK
;
B
3 'polypeptide(L)' GSYNKDQQSAFYEILNMPNLNEAQRNGFIQSLKDDPSQSTNVLGEAKKLNESQA H
4 'polypeptide(L)' SEVTIKVNLIFADGKIQTAEFKGTFEEATAEAYRYAALLAKVNGEYTADLEDGGNHMNIKFAG E
#
loop_
_chem_comp.id
_chem_comp.type
_chem_comp.name
_chem_comp.formula
CL non-polymer 'CHLORIDE ION' 'Cl -1'
#
# COMPACT_ATOMS: atom_id res chain seq x y z
N ASP A 1 1.01 26.38 -4.35
CA ASP A 1 0.36 25.25 -3.69
C ASP A 1 0.68 25.25 -2.21
N ILE A 2 -0.14 24.51 -1.46
CA ILE A 2 0.03 24.39 -0.01
C ILE A 2 0.54 22.98 0.28
N GLN A 3 1.59 22.86 1.09
CA GLN A 3 2.01 21.52 1.47
C GLN A 3 1.65 21.20 2.90
N MET A 4 1.43 19.92 3.17
CA MET A 4 1.07 19.46 4.51
C MET A 4 2.23 18.60 4.99
N THR A 5 2.85 18.98 6.10
CA THR A 5 4.00 18.26 6.64
C THR A 5 3.53 17.48 7.86
N GLN A 6 3.52 16.14 7.78
CA GLN A 6 3.11 15.29 8.89
C GLN A 6 4.26 14.76 9.73
N SER A 7 4.03 14.58 11.03
CA SER A 7 5.04 14.07 11.95
C SER A 7 4.37 13.24 13.01
N PRO A 8 5.08 12.21 13.54
CA PRO A 8 6.37 11.72 13.01
C PRO A 8 6.10 10.90 11.76
N SER A 9 7.15 10.32 11.18
CA SER A 9 7.01 9.44 10.04
CA SER A 9 7.00 9.45 10.03
C SER A 9 6.41 8.11 10.48
N SER A 10 6.77 7.69 11.68
CA SER A 10 6.18 6.51 12.26
C SER A 10 6.21 6.58 13.78
N LEU A 11 5.25 5.91 14.40
CA LEU A 11 5.08 5.93 15.84
C LEU A 11 4.62 4.55 16.29
N SER A 12 5.25 4.03 17.33
CA SER A 12 4.90 2.71 17.84
C SER A 12 4.51 2.85 19.31
N ALA A 13 3.35 2.30 19.67
CA ALA A 13 2.82 2.51 21.01
C ALA A 13 2.02 1.31 21.50
N SER A 14 1.85 1.18 22.81
CA SER A 14 1.15 0.05 23.40
C SER A 14 -0.36 0.21 23.38
N VAL A 15 -1.07 -0.92 23.34
CA VAL A 15 -2.52 -0.88 23.47
C VAL A 15 -2.89 -0.10 24.73
N GLY A 16 -3.80 0.87 24.59
CA GLY A 16 -4.23 1.65 25.74
C GLY A 16 -3.49 2.96 25.91
N ASP A 17 -2.41 3.18 25.17
CA ASP A 17 -1.63 4.43 25.20
CA ASP A 17 -1.71 4.45 25.30
C ASP A 17 -2.38 5.55 24.47
N ARG A 18 -2.10 6.79 24.83
CA ARG A 18 -2.61 7.96 24.11
CA ARG A 18 -2.61 7.94 24.10
C ARG A 18 -1.61 8.33 23.02
N VAL A 19 -2.07 8.38 21.78
CA VAL A 19 -1.18 8.62 20.64
C VAL A 19 -1.51 9.93 19.90
N THR A 20 -0.48 10.64 19.50
CA THR A 20 -0.63 11.97 18.93
C THR A 20 0.17 12.12 17.64
N ILE A 21 -0.54 12.42 16.56
CA ILE A 21 0.06 12.63 15.25
C ILE A 21 -0.22 14.06 14.83
N THR A 22 0.71 14.69 14.13
CA THR A 22 0.56 16.08 13.74
C THR A 22 0.72 16.34 12.26
N CYS A 23 0.19 17.48 11.84
CA CYS A 23 0.23 17.88 10.46
C CYS A 23 0.33 19.39 10.46
N ARG A 24 1.24 19.92 9.66
CA ARG A 24 1.45 21.37 9.60
C ARG A 24 1.24 21.86 8.17
N ALA A 25 0.36 22.84 7.98
CA ALA A 25 0.15 23.45 6.67
C ALA A 25 1.17 24.57 6.42
N SER A 26 1.61 24.71 5.18
CA SER A 26 2.65 25.70 4.86
C SER A 26 2.11 27.15 4.87
N GLN A 27 0.81 27.29 4.86
CA GLN A 27 0.18 28.58 5.05
C GLN A 27 -1.23 28.33 5.57
N ASP A 28 -1.95 29.38 5.89
CA ASP A 28 -3.28 29.26 6.49
C ASP A 28 -4.23 28.39 5.66
N VAL A 29 -4.91 27.46 6.32
CA VAL A 29 -5.93 26.67 5.64
C VAL A 29 -7.23 26.67 6.42
N ASN A 30 -7.35 27.65 7.33
CA ASN A 30 -8.47 27.73 8.25
C ASN A 30 -8.63 26.37 8.94
N THR A 31 -9.80 25.75 8.85
CA THR A 31 -10.04 24.43 9.43
C THR A 31 -10.26 23.36 8.36
N ALA A 32 -9.94 23.67 7.11
CA ALA A 32 -10.25 22.79 6.00
C ALA A 32 -9.29 21.60 5.91
N VAL A 33 -9.25 20.78 6.97
CA VAL A 33 -8.32 19.65 7.06
C VAL A 33 -9.07 18.40 7.50
N ALA A 34 -8.80 17.29 6.81
CA ALA A 34 -9.44 16.03 7.08
C ALA A 34 -8.38 15.01 7.45
N TRP A 35 -8.74 14.02 8.25
CA TRP A 35 -7.81 12.94 8.61
C TRP A 35 -8.36 11.61 8.10
N TYR A 36 -7.51 10.79 7.47
CA TYR A 36 -7.90 9.50 6.93
C TYR A 36 -7.03 8.39 7.51
N GLN A 37 -7.63 7.22 7.69
CA GLN A 37 -6.95 6.03 8.13
C GLN A 37 -6.88 5.01 7.00
N GLN A 38 -5.68 4.55 6.66
CA GLN A 38 -5.53 3.59 5.58
C GLN A 38 -4.81 2.32 6.01
N LYS A 39 -5.56 1.23 6.01
CA LYS A 39 -5.03 -0.12 6.17
C LYS A 39 -4.42 -0.58 4.85
N PRO A 40 -3.35 -1.37 4.92
CA PRO A 40 -2.62 -1.77 3.70
C PRO A 40 -3.54 -2.49 2.72
N GLY A 41 -3.53 -2.04 1.47
CA GLY A 41 -4.33 -2.66 0.43
C GLY A 41 -5.77 -2.20 0.39
N LYS A 42 -6.13 -1.25 1.25
CA LYS A 42 -7.52 -0.81 1.33
C LYS A 42 -7.66 0.67 1.02
N ALA A 43 -8.87 1.09 0.66
CA ALA A 43 -9.16 2.51 0.51
C ALA A 43 -8.98 3.23 1.85
N PRO A 44 -8.49 4.48 1.81
CA PRO A 44 -8.48 5.30 3.04
C PRO A 44 -9.90 5.46 3.57
N LYS A 45 -10.00 5.64 4.88
CA LYS A 45 -11.27 5.77 5.55
C LYS A 45 -11.28 7.11 6.27
N LEU A 46 -12.33 7.90 6.08
CA LEU A 46 -12.42 9.20 6.73
C LEU A 46 -12.63 9.05 8.24
N LEU A 47 -11.81 9.74 9.02
CA LEU A 47 -12.00 9.76 10.48
C LEU A 47 -12.58 11.09 10.94
N ILE A 48 -11.92 12.16 10.53
CA ILE A 48 -12.22 13.51 11.02
C ILE A 48 -12.23 14.49 9.85
N TYR A 49 -13.18 15.41 9.85
CA TYR A 49 -13.27 16.43 8.80
C TYR A 49 -13.37 17.83 9.44
N SER A 50 -13.05 18.85 8.66
CA SER A 50 -12.97 20.23 9.15
C SER A 50 -12.24 20.31 10.48
N ALA A 51 -11.07 19.65 10.53
CA ALA A 51 -10.13 19.69 11.65
C ALA A 51 -10.56 18.96 12.93
N SER A 52 -11.83 19.04 13.32
CA SER A 52 -12.22 18.54 14.63
C SER A 52 -13.52 17.75 14.69
N PHE A 53 -14.20 17.56 13.57
CA PHE A 53 -15.49 16.88 13.60
C PHE A 53 -15.37 15.41 13.23
N LEU A 54 -15.96 14.56 14.06
CA LEU A 54 -15.86 13.12 13.95
C LEU A 54 -16.86 12.62 12.93
N TYR A 55 -16.38 11.91 11.90
CA TYR A 55 -17.29 11.33 10.93
C TYR A 55 -18.17 10.26 11.58
N SER A 56 -19.41 10.17 11.12
CA SER A 56 -20.38 9.22 11.63
C SER A 56 -19.82 7.79 11.69
N GLY A 57 -20.00 7.15 12.85
CA GLY A 57 -19.58 5.78 13.05
C GLY A 57 -18.14 5.60 13.46
N VAL A 58 -17.36 6.68 13.47
CA VAL A 58 -15.95 6.59 13.88
C VAL A 58 -15.88 6.56 15.42
N PRO A 59 -15.11 5.63 15.99
CA PRO A 59 -15.06 5.51 17.46
C PRO A 59 -14.62 6.82 18.12
N SER A 60 -15.17 7.11 19.29
CA SER A 60 -14.93 8.38 19.95
C SER A 60 -13.50 8.53 20.47
N ARG A 61 -12.69 7.48 20.39
CA ARG A 61 -11.30 7.59 20.82
C ARG A 61 -10.46 8.44 19.85
N PHE A 62 -10.99 8.66 18.65
CA PHE A 62 -10.33 9.53 17.68
C PHE A 62 -10.80 10.97 17.89
N SER A 63 -9.87 11.92 17.88
CA SER A 63 -10.24 13.34 17.92
C SER A 63 -9.19 14.18 17.19
N GLY A 64 -9.61 15.34 16.69
CA GLY A 64 -8.70 16.24 16.00
C GLY A 64 -8.84 17.64 16.58
N SER A 65 -7.75 18.40 16.54
CA SER A 65 -7.80 19.80 16.92
C SER A 65 -6.87 20.62 16.02
N ARG A 66 -6.94 21.93 16.19
CA ARG A 66 -6.21 22.86 15.35
C ARG A 66 -5.69 24.00 16.20
N SER A 67 -4.44 24.38 15.94
CA SER A 67 -3.91 25.62 16.48
C SER A 67 -3.14 26.33 15.37
N GLY A 68 -3.73 27.37 14.81
CA GLY A 68 -3.11 28.08 13.72
C GLY A 68 -2.96 27.16 12.52
N THR A 69 -1.73 26.87 12.11
CA THR A 69 -1.49 25.99 10.98
C THR A 69 -1.08 24.60 11.41
N ASP A 70 -1.12 24.34 12.71
CA ASP A 70 -0.80 23.01 13.26
C ASP A 70 -2.06 22.19 13.57
N PHE A 71 -2.11 20.97 13.03
CA PHE A 71 -3.27 20.09 13.21
C PHE A 71 -2.83 18.83 13.94
N THR A 72 -3.68 18.34 14.83
CA THR A 72 -3.36 17.16 15.62
CA THR A 72 -3.35 17.12 15.57
C THR A 72 -4.48 16.13 15.53
N LEU A 73 -4.11 14.88 15.33
CA LEU A 73 -5.00 13.73 15.44
C LEU A 73 -4.57 12.98 16.70
N THR A 74 -5.49 12.74 17.61
CA THR A 74 -5.17 12.05 18.86
C THR A 74 -5.99 10.77 18.93
N ILE A 75 -5.34 9.66 19.24
CA ILE A 75 -6.06 8.44 19.59
C ILE A 75 -5.92 8.26 21.08
N SER A 76 -7.03 8.37 21.82
CA SER A 76 -6.96 8.44 23.28
C SER A 76 -6.62 7.10 23.96
N SER A 77 -6.96 6.01 23.29
CA SER A 77 -6.72 4.69 23.87
C SER A 77 -6.49 3.70 22.74
N LEU A 78 -5.22 3.54 22.39
CA LEU A 78 -4.83 2.79 21.21
C LEU A 78 -5.34 1.35 21.25
N GLN A 79 -5.99 0.93 20.17
CA GLN A 79 -6.49 -0.44 20.08
C GLN A 79 -5.64 -1.19 19.05
N PRO A 80 -5.56 -2.52 19.17
CA PRO A 80 -4.70 -3.27 18.25
C PRO A 80 -5.13 -3.11 16.78
N GLU A 81 -6.41 -2.91 16.54
CA GLU A 81 -6.90 -2.74 15.18
C GLU A 81 -6.62 -1.33 14.63
N ASP A 82 -5.96 -0.48 15.42
CA ASP A 82 -5.67 0.88 14.99
C ASP A 82 -4.40 1.00 14.18
N PHE A 83 -3.67 -0.10 13.98
CA PHE A 83 -2.48 0.01 13.14
C PHE A 83 -2.92 0.38 11.72
N ALA A 84 -2.25 1.38 11.15
CA ALA A 84 -2.62 1.92 9.85
C ALA A 84 -1.63 3.02 9.53
N THR A 85 -1.66 3.48 8.29
CA THR A 85 -1.07 4.76 7.94
C THR A 85 -2.17 5.83 7.95
N TYR A 86 -1.91 6.91 8.69
CA TYR A 86 -2.84 8.04 8.80
C TYR A 86 -2.36 9.21 7.93
N TYR A 87 -3.28 9.80 7.17
CA TYR A 87 -2.98 10.95 6.29
C TYR A 87 -3.87 12.12 6.61
N CYS A 88 -3.29 13.32 6.63
CA CYS A 88 -4.11 14.53 6.66
C CYS A 88 -4.25 15.05 5.23
N GLN A 89 -5.29 15.85 4.97
CA GLN A 89 -5.50 16.47 3.66
C GLN A 89 -6.12 17.86 3.80
N GLN A 90 -5.58 18.86 3.12
CA GLN A 90 -6.20 20.19 3.15
C GLN A 90 -7.03 20.36 1.89
N HIS A 91 -8.18 21.02 2.02
CA HIS A 91 -8.94 21.38 0.82
C HIS A 91 -9.15 22.90 0.72
N TYR A 92 -8.37 23.66 1.47
CA TYR A 92 -8.52 25.10 1.46
C TYR A 92 -8.28 25.70 0.08
N THR A 93 -7.22 25.25 -0.59
CA THR A 93 -6.97 25.65 -1.98
C THR A 93 -6.69 24.45 -2.88
N THR A 94 -6.92 24.65 -4.16
CA THR A 94 -6.69 23.62 -5.16
C THR A 94 -5.28 23.83 -5.67
N PRO A 95 -4.49 22.75 -5.80
CA PRO A 95 -4.84 21.36 -5.52
C PRO A 95 -4.96 21.01 -4.04
N PRO A 96 -6.00 20.23 -3.69
CA PRO A 96 -6.03 19.66 -2.35
C PRO A 96 -4.78 18.78 -2.20
N THR A 97 -4.10 18.86 -1.08
CA THR A 97 -2.86 18.12 -0.95
C THR A 97 -2.90 17.26 0.31
N PHE A 98 -2.25 16.13 0.24
CA PHE A 98 -2.13 15.20 1.35
C PHE A 98 -0.79 15.34 2.09
N GLY A 99 -0.79 15.08 3.38
CA GLY A 99 0.47 14.88 4.09
C GLY A 99 1.11 13.58 3.63
N GLN A 100 2.37 13.35 3.99
CA GLN A 100 3.12 12.17 3.56
CA GLN A 100 3.04 12.16 3.49
C GLN A 100 2.73 10.89 4.30
N GLY A 101 1.93 11.04 5.35
CA GLY A 101 1.45 9.89 6.10
C GLY A 101 2.29 9.61 7.35
N THR A 102 1.63 9.09 8.38
CA THR A 102 2.31 8.60 9.57
C THR A 102 1.91 7.16 9.80
N LYS A 103 2.88 6.26 9.80
CA LYS A 103 2.57 4.86 10.08
C LYS A 103 2.55 4.62 11.59
N VAL A 104 1.41 4.11 12.07
CA VAL A 104 1.25 3.75 13.49
C VAL A 104 1.29 2.23 13.69
N GLU A 105 2.26 1.77 14.50
CA GLU A 105 2.46 0.35 14.83
CA GLU A 105 2.34 0.36 14.80
C GLU A 105 2.08 0.08 16.28
N ILE A 106 1.58 -1.12 16.58
CA ILE A 106 1.25 -1.45 17.96
C ILE A 106 2.44 -2.13 18.65
N LYS A 107 2.82 -1.64 19.82
CA LYS A 107 3.87 -2.26 20.62
CA LYS A 107 3.87 -2.28 20.60
C LYS A 107 3.24 -3.32 21.51
N ARG A 108 3.93 -4.44 21.71
CA ARG A 108 3.43 -5.52 22.58
C ARG A 108 4.60 -6.33 23.16
N THR A 109 4.28 -7.35 23.96
CA THR A 109 5.35 -8.16 24.52
C THR A 109 6.06 -9.02 23.48
N VAL A 110 7.29 -9.42 23.79
CA VAL A 110 8.06 -10.26 22.89
C VAL A 110 7.39 -11.62 22.74
N ALA A 111 7.40 -12.15 21.51
CA ALA A 111 6.98 -13.53 21.21
C ALA A 111 7.92 -14.13 20.18
N ALA A 112 8.57 -15.26 20.52
CA ALA A 112 9.42 -15.97 19.58
C ALA A 112 8.60 -16.58 18.45
N PRO A 113 9.18 -16.69 17.25
CA PRO A 113 8.45 -17.28 16.12
C PRO A 113 8.44 -18.80 16.14
N SER A 114 7.36 -19.39 15.62
CA SER A 114 7.35 -20.79 15.24
C SER A 114 8.09 -20.85 13.91
N VAL A 115 9.07 -21.73 13.79
CA VAL A 115 9.87 -21.81 12.56
C VAL A 115 9.64 -23.11 11.81
N PHE A 116 9.32 -23.01 10.53
CA PHE A 116 9.08 -24.19 9.70
C PHE A 116 9.80 -24.08 8.36
N ILE A 117 10.05 -25.22 7.71
CA ILE A 117 10.73 -25.21 6.43
C ILE A 117 9.98 -26.11 5.45
N PHE A 118 9.98 -25.72 4.17
CA PHE A 118 9.32 -26.48 3.11
C PHE A 118 10.26 -26.71 1.95
N PRO A 119 10.59 -27.98 1.66
CA PRO A 119 11.34 -28.34 0.45
C PRO A 119 10.60 -27.90 -0.82
N PRO A 120 11.30 -27.84 -1.96
CA PRO A 120 10.58 -27.64 -3.22
C PRO A 120 9.59 -28.79 -3.46
N SER A 121 8.42 -28.48 -4.00
CA SER A 121 7.45 -29.51 -4.34
C SER A 121 7.97 -30.34 -5.50
N ASP A 122 7.43 -31.54 -5.67
CA ASP A 122 7.82 -32.38 -6.78
C ASP A 122 7.40 -31.73 -8.09
N GLU A 123 6.19 -31.18 -8.12
CA GLU A 123 5.69 -30.43 -9.27
C GLU A 123 6.69 -29.37 -9.76
N GLN A 124 7.21 -28.54 -8.85
CA GLN A 124 8.14 -27.48 -9.24
C GLN A 124 9.42 -28.06 -9.80
N LEU A 125 9.90 -29.13 -9.16
CA LEU A 125 11.13 -29.78 -9.58
C LEU A 125 11.04 -30.37 -10.98
N LYS A 126 9.83 -30.67 -11.43
CA LYS A 126 9.62 -31.13 -12.81
C LYS A 126 10.04 -30.03 -13.79
N SER A 127 9.95 -28.79 -13.35
CA SER A 127 10.52 -27.67 -14.09
C SER A 127 11.97 -27.48 -13.65
N GLY A 128 12.59 -26.37 -14.04
CA GLY A 128 14.01 -26.20 -13.84
C GLY A 128 14.42 -25.42 -12.61
N THR A 129 13.50 -25.22 -11.68
CA THR A 129 13.75 -24.34 -10.54
C THR A 129 13.30 -25.00 -9.23
N ALA A 130 14.00 -24.69 -8.14
CA ALA A 130 13.66 -25.15 -6.81
C ALA A 130 13.49 -23.95 -5.87
N SER A 131 12.37 -23.90 -5.16
CA SER A 131 12.16 -22.85 -4.17
C SER A 131 12.09 -23.48 -2.79
N VAL A 132 12.96 -23.06 -1.89
CA VAL A 132 12.90 -23.52 -0.51
C VAL A 132 12.34 -22.41 0.37
N VAL A 133 11.29 -22.72 1.11
CA VAL A 133 10.58 -21.71 1.89
C VAL A 133 10.75 -21.94 3.39
N CYS A 134 11.23 -20.89 4.07
CA CYS A 134 11.32 -20.87 5.51
C CYS A 134 10.27 -19.90 6.06
N LEU A 135 9.50 -20.38 7.05
CA LEU A 135 8.38 -19.62 7.61
C LEU A 135 8.63 -19.31 9.09
N LEU A 136 8.51 -18.05 9.44
CA LEU A 136 8.52 -17.59 10.85
C LEU A 136 7.12 -17.15 11.19
N ASN A 137 6.41 -17.88 12.04
CA ASN A 137 5.01 -17.56 12.29
C ASN A 137 4.76 -16.87 13.62
N ASN A 138 3.97 -15.80 13.57
CA ASN A 138 3.39 -15.13 14.74
C ASN A 138 4.35 -14.68 15.81
N PHE A 139 5.26 -13.77 15.44
CA PHE A 139 6.29 -13.29 16.34
C PHE A 139 6.27 -11.75 16.49
N TYR A 140 6.97 -11.28 17.53
CA TYR A 140 7.12 -9.87 17.83
C TYR A 140 8.39 -9.67 18.70
N PRO A 141 9.22 -8.66 18.40
CA PRO A 141 9.05 -7.63 17.35
C PRO A 141 9.36 -8.13 15.94
N ARG A 142 9.19 -7.24 14.98
CA ARG A 142 9.35 -7.54 13.56
CA ARG A 142 9.35 -7.57 13.57
C ARG A 142 10.78 -7.98 13.22
N GLU A 143 11.75 -7.39 13.90
CA GLU A 143 13.17 -7.65 13.62
C GLU A 143 13.54 -9.13 13.77
N ALA A 144 14.27 -9.66 12.80
CA ALA A 144 14.70 -11.05 12.82
C ALA A 144 15.76 -11.26 11.76
N LYS A 145 16.75 -12.07 12.06
CA LYS A 145 17.73 -12.45 11.05
C LYS A 145 17.51 -13.90 10.60
N VAL A 146 17.36 -14.08 9.30
CA VAL A 146 17.11 -15.40 8.71
C VAL A 146 18.22 -15.71 7.73
N GLN A 147 19.03 -16.72 8.04
CA GLN A 147 20.12 -17.10 7.15
C GLN A 147 19.96 -18.50 6.57
N TRP A 148 20.39 -18.64 5.33
CA TRP A 148 20.31 -19.89 4.62
C TRP A 148 21.68 -20.53 4.54
N LYS A 149 21.74 -21.82 4.86
CA LYS A 149 22.95 -22.60 4.66
C LYS A 149 22.64 -23.85 3.84
N VAL A 150 23.42 -24.04 2.77
CA VAL A 150 23.35 -25.23 1.94
C VAL A 150 24.67 -25.98 2.10
N ASP A 151 24.59 -27.22 2.61
CA ASP A 151 25.77 -28.00 2.98
C ASP A 151 26.72 -27.16 3.84
N ASN A 152 26.15 -26.49 4.84
CA ASN A 152 26.87 -25.62 5.77
C ASN A 152 27.55 -24.39 5.16
N ALA A 153 27.29 -24.14 3.88
CA ALA A 153 27.82 -22.95 3.23
C ALA A 153 26.79 -21.84 3.31
N LEU A 154 27.18 -20.72 3.90
CA LEU A 154 26.29 -19.57 4.01
C LEU A 154 25.92 -19.03 2.63
N GLN A 155 24.62 -18.87 2.40
CA GLN A 155 24.10 -18.39 1.12
C GLN A 155 23.99 -16.87 1.13
N SER A 156 24.20 -16.27 -0.02
CA SER A 156 24.14 -14.82 -0.14
C SER A 156 23.54 -14.45 -1.48
N GLY A 157 22.63 -13.48 -1.47
CA GLY A 157 22.12 -12.89 -2.69
C GLY A 157 21.11 -13.73 -3.46
N ASN A 158 20.68 -14.86 -2.89
CA ASN A 158 19.76 -15.74 -3.58
C ASN A 158 18.49 -16.06 -2.78
N SER A 159 18.13 -15.18 -1.85
CA SER A 159 16.88 -15.33 -1.11
C SER A 159 16.16 -14.00 -0.98
N GLN A 160 14.84 -14.05 -0.76
CA GLN A 160 14.05 -12.85 -0.56
C GLN A 160 13.05 -13.04 0.58
N GLU A 161 12.81 -11.98 1.33
CA GLU A 161 11.89 -12.03 2.45
C GLU A 161 10.62 -11.26 2.15
N SER A 162 9.53 -11.70 2.76
CA SER A 162 8.27 -10.98 2.73
C SER A 162 7.68 -11.03 4.14
N VAL A 163 7.05 -9.95 4.58
CA VAL A 163 6.51 -9.88 5.92
CA VAL A 163 6.50 -9.87 5.93
C VAL A 163 5.05 -9.40 5.89
N THR A 164 4.21 -10.01 6.73
CA THR A 164 2.81 -9.61 6.80
C THR A 164 2.66 -8.32 7.62
N GLU A 165 1.48 -7.72 7.56
CA GLU A 165 1.09 -6.61 8.42
CA GLU A 165 1.21 -6.61 8.44
C GLU A 165 0.77 -7.18 9.80
N GLN A 166 0.78 -6.33 10.83
CA GLN A 166 0.46 -6.80 12.17
C GLN A 166 -0.92 -7.46 12.24
N ASP A 167 -1.02 -8.55 12.99
CA ASP A 167 -2.33 -9.16 13.23
C ASP A 167 -3.21 -8.14 13.97
N SER A 168 -4.48 -8.07 13.59
CA SER A 168 -5.34 -7.00 14.06
C SER A 168 -5.79 -7.29 15.47
N LYS A 169 -5.64 -8.55 15.87
CA LYS A 169 -6.03 -8.97 17.20
C LYS A 169 -4.82 -9.07 18.12
N ASP A 170 -3.78 -9.79 17.70
CA ASP A 170 -2.64 -10.01 18.60
C ASP A 170 -1.34 -9.29 18.23
N SER A 171 -1.36 -8.49 17.17
CA SER A 171 -0.27 -7.56 16.85
C SER A 171 1.06 -8.23 16.53
N THR A 172 1.03 -9.51 16.14
CA THR A 172 2.23 -10.22 15.73
C THR A 172 2.45 -10.11 14.22
N TYR A 173 3.66 -10.45 13.80
CA TYR A 173 4.02 -10.58 12.40
C TYR A 173 4.30 -12.03 12.04
N SER A 174 4.29 -12.31 10.75
CA SER A 174 4.84 -13.54 10.20
C SER A 174 5.74 -13.17 9.02
N LEU A 175 6.71 -14.02 8.73
CA LEU A 175 7.71 -13.70 7.73
C LEU A 175 8.04 -14.97 6.94
N SER A 176 8.22 -14.82 5.64
CA SER A 176 8.72 -15.90 4.82
C SER A 176 10.04 -15.51 4.20
N SER A 177 10.96 -16.46 4.16
CA SER A 177 12.21 -16.28 3.44
C SER A 177 12.28 -17.38 2.41
N THR A 178 12.44 -17.00 1.15
CA THR A 178 12.40 -17.97 0.08
C THR A 178 13.76 -18.08 -0.59
N LEU A 179 14.33 -19.28 -0.57
CA LEU A 179 15.60 -19.55 -1.25
C LEU A 179 15.34 -20.14 -2.63
N THR A 180 15.88 -19.51 -3.67
CA THR A 180 15.62 -19.93 -5.05
C THR A 180 16.90 -20.43 -5.71
N LEU A 181 16.83 -21.64 -6.27
CA LEU A 181 17.96 -22.28 -6.93
C LEU A 181 17.49 -22.91 -8.23
N SER A 182 18.42 -23.17 -9.14
CA SER A 182 18.12 -23.99 -10.30
C SER A 182 17.95 -25.41 -9.80
N LYS A 183 17.18 -26.22 -10.52
CA LYS A 183 17.00 -27.64 -10.18
C LYS A 183 18.34 -28.34 -10.12
N ALA A 184 19.22 -28.02 -11.08
CA ALA A 184 20.53 -28.66 -11.15
C ALA A 184 21.38 -28.43 -9.89
N ASP A 185 21.42 -27.18 -9.43
CA ASP A 185 22.17 -26.83 -8.22
C ASP A 185 21.53 -27.46 -6.99
N TYR A 186 20.21 -27.45 -6.96
CA TYR A 186 19.47 -28.04 -5.84
C TYR A 186 19.80 -29.52 -5.68
N GLU A 187 19.90 -30.19 -6.83
CA GLU A 187 20.16 -31.60 -6.92
C GLU A 187 21.59 -31.99 -6.60
N LYS A 188 22.47 -31.03 -6.68
CA LYS A 188 23.84 -31.22 -6.31
C LYS A 188 24.09 -31.29 -4.83
N HIS A 189 23.14 -30.89 -4.00
CA HIS A 189 23.44 -30.69 -2.60
C HIS A 189 22.45 -31.40 -1.75
N LYS A 190 22.75 -31.65 -0.49
CA LYS A 190 21.78 -32.43 0.29
C LYS A 190 21.12 -31.73 1.49
N VAL A 191 21.88 -30.97 2.27
CA VAL A 191 21.29 -30.39 3.48
C VAL A 191 20.91 -28.91 3.34
N TYR A 192 19.61 -28.65 3.50
CA TYR A 192 19.07 -27.31 3.35
C TYR A 192 18.59 -26.83 4.71
N ALA A 193 19.18 -25.73 5.18
CA ALA A 193 18.94 -25.24 6.52
C ALA A 193 18.66 -23.73 6.58
N CYS A 194 17.65 -23.40 7.37
CA CYS A 194 17.24 -22.03 7.62
C CYS A 194 17.58 -21.70 9.07
N GLU A 195 18.45 -20.73 9.30
CA GLU A 195 18.80 -20.35 10.68
C GLU A 195 18.19 -19.03 11.12
N VAL A 196 17.43 -19.06 12.22
CA VAL A 196 16.67 -17.89 12.64
C VAL A 196 17.17 -17.29 13.95
N THR A 197 17.48 -15.99 13.93
CA THR A 197 17.84 -15.26 15.14
C THR A 197 16.72 -14.26 15.50
N HIS A 198 16.25 -14.30 16.74
CA HIS A 198 15.17 -13.42 17.19
C HIS A 198 15.24 -13.19 18.70
N GLN A 199 14.79 -12.01 19.11
CA GLN A 199 14.88 -11.57 20.50
C GLN A 199 14.23 -12.55 21.46
N GLY A 200 13.13 -13.16 21.03
CA GLY A 200 12.37 -14.08 21.86
C GLY A 200 13.02 -15.44 22.07
N LEU A 201 14.00 -15.77 21.24
CA LEU A 201 14.69 -17.07 21.31
C LEU A 201 15.99 -16.95 22.12
N SER A 202 16.25 -17.91 22.99
CA SER A 202 17.42 -17.84 23.87
C SER A 202 18.74 -18.03 23.11
N SER A 203 18.66 -18.67 21.94
CA SER A 203 19.78 -18.76 21.00
C SER A 203 19.19 -19.10 19.62
N PRO A 204 19.97 -18.97 18.54
CA PRO A 204 19.33 -19.14 17.22
C PRO A 204 18.77 -20.54 16.95
N VAL A 205 17.67 -20.59 16.21
CA VAL A 205 17.01 -21.84 15.86
C VAL A 205 17.32 -22.21 14.41
N THR A 206 17.82 -23.41 14.20
CA THR A 206 18.04 -23.90 12.84
C THR A 206 16.99 -24.93 12.49
N LYS A 207 16.31 -24.70 11.38
CA LYS A 207 15.36 -25.67 10.85
C LYS A 207 15.94 -26.19 9.53
N SER A 208 15.99 -27.51 9.40
CA SER A 208 16.80 -28.15 8.37
C SER A 208 16.11 -29.38 7.75
N PHE A 209 16.47 -29.71 6.52
CA PHE A 209 16.10 -31.00 5.91
C PHE A 209 17.16 -31.48 4.93
N ASN A 210 17.16 -32.80 4.68
CA ASN A 210 17.97 -33.42 3.64
C ASN A 210 17.14 -33.63 2.39
N ARG A 211 17.66 -33.22 1.25
CA ARG A 211 16.98 -33.44 -0.01
C ARG A 211 16.66 -34.93 -0.19
N GLY A 212 15.39 -35.24 -0.42
CA GLY A 212 14.96 -36.60 -0.68
C GLY A 212 14.46 -37.37 0.53
N GLU A 213 14.44 -36.75 1.70
CA GLU A 213 14.06 -37.44 2.92
C GLU A 213 12.54 -37.64 3.01
N GLU B 1 -27.16 2.29 0.49
CA GLU B 1 -25.77 2.50 0.86
C GLU B 1 -25.05 3.26 -0.24
N VAL B 2 -24.26 4.26 0.14
CA VAL B 2 -23.40 4.93 -0.83
C VAL B 2 -22.33 3.95 -1.28
N GLN B 3 -22.06 3.89 -2.57
CA GLN B 3 -21.00 3.01 -3.05
C GLN B 3 -20.37 3.56 -4.31
N LEU B 4 -19.05 3.42 -4.40
CA LEU B 4 -18.31 3.75 -5.62
C LEU B 4 -17.50 2.55 -6.05
N VAL B 5 -17.51 2.24 -7.35
CA VAL B 5 -16.78 1.09 -7.86
C VAL B 5 -15.92 1.44 -9.07
N GLU B 6 -14.60 1.39 -8.92
CA GLU B 6 -13.69 1.66 -10.05
C GLU B 6 -13.46 0.42 -10.89
N SER B 7 -13.29 0.62 -12.19
CA SER B 7 -12.90 -0.47 -13.09
C SER B 7 -12.05 0.08 -14.23
N GLY B 8 -11.42 -0.83 -14.99
CA GLY B 8 -10.65 -0.42 -16.14
C GLY B 8 -9.13 -0.40 -15.96
N GLY B 9 -8.65 -0.65 -14.76
CA GLY B 9 -7.22 -0.71 -14.52
C GLY B 9 -6.61 -1.93 -15.18
N GLY B 10 -5.34 -1.86 -15.55
CA GLY B 10 -4.64 -3.05 -16.00
C GLY B 10 -3.24 -2.68 -16.48
N LEU B 11 -2.61 -3.61 -17.18
CA LEU B 11 -1.28 -3.41 -17.74
C LEU B 11 -1.38 -2.60 -19.05
N VAL B 12 -0.53 -1.59 -19.18
CA VAL B 12 -0.47 -0.78 -20.40
C VAL B 12 0.98 -0.43 -20.67
N GLN B 13 1.39 -0.39 -21.93
CA GLN B 13 2.75 -0.01 -22.27
C GLN B 13 3.00 1.49 -22.06
N PRO B 14 4.25 1.87 -21.77
CA PRO B 14 4.61 3.29 -21.70
C PRO B 14 4.22 4.01 -23.01
N GLY B 15 3.62 5.19 -22.92
CA GLY B 15 3.11 5.87 -24.10
C GLY B 15 1.68 5.46 -24.45
N GLY B 16 1.18 4.43 -23.76
CA GLY B 16 -0.15 3.91 -24.06
C GLY B 16 -1.31 4.66 -23.42
N SER B 17 -2.53 4.19 -23.71
CA SER B 17 -3.74 4.81 -23.19
C SER B 17 -4.61 3.80 -22.44
N LEU B 18 -5.32 4.30 -21.43
CA LEU B 18 -6.27 3.49 -20.66
C LEU B 18 -7.43 4.40 -20.25
N ARG B 19 -8.61 3.82 -20.02
CA ARG B 19 -9.74 4.59 -19.51
C ARG B 19 -10.36 3.93 -18.29
N LEU B 20 -10.36 4.64 -17.18
CA LEU B 20 -10.98 4.14 -15.95
C LEU B 20 -12.42 4.62 -15.84
N SER B 21 -13.25 3.79 -15.22
CA SER B 21 -14.63 4.16 -14.87
CA SER B 21 -14.60 4.21 -14.87
C SER B 21 -14.83 4.08 -13.36
N CYS B 22 -15.75 4.90 -12.86
CA CYS B 22 -16.13 4.91 -11.45
C CYS B 22 -17.64 4.93 -11.43
N ALA B 23 -18.26 3.79 -11.11
CA ALA B 23 -19.72 3.72 -11.12
C ALA B 23 -20.26 3.98 -9.72
N ALA B 24 -21.17 4.93 -9.60
CA ALA B 24 -21.66 5.33 -8.29
C ALA B 24 -23.09 4.87 -8.06
N SER B 25 -23.41 4.56 -6.82
CA SER B 25 -24.79 4.18 -6.51
C SER B 25 -25.13 4.59 -5.08
N GLY B 26 -26.42 4.75 -4.81
CA GLY B 26 -26.86 5.16 -3.49
C GLY B 26 -26.78 6.65 -3.29
N PHE B 27 -26.37 7.37 -4.34
CA PHE B 27 -26.42 8.83 -4.38
C PHE B 27 -26.25 9.31 -5.83
N ASN B 28 -26.57 10.58 -6.08
CA ASN B 28 -26.38 11.13 -7.42
C ASN B 28 -25.12 12.00 -7.47
N ILE B 29 -24.22 11.68 -8.41
CA ILE B 29 -22.97 12.44 -8.56
C ILE B 29 -23.21 13.91 -8.93
N LYS B 30 -24.43 14.21 -9.38
CA LYS B 30 -24.84 15.57 -9.70
C LYS B 30 -24.85 16.43 -8.44
N ASP B 31 -24.86 15.79 -7.29
CA ASP B 31 -24.97 16.48 -6.01
C ASP B 31 -23.62 16.65 -5.30
N THR B 32 -22.56 16.12 -5.89
CA THR B 32 -21.26 16.14 -5.21
C THR B 32 -20.15 16.51 -6.18
N TYR B 33 -18.94 16.67 -5.63
CA TYR B 33 -17.72 16.62 -6.42
C TYR B 33 -17.29 15.16 -6.48
N ILE B 34 -16.66 14.78 -7.58
CA ILE B 34 -16.05 13.46 -7.72
C ILE B 34 -14.55 13.68 -7.96
N HIS B 35 -13.71 12.97 -7.22
CA HIS B 35 -12.25 13.09 -7.31
C HIS B 35 -11.59 11.78 -7.73
N TRP B 36 -10.45 11.86 -8.39
CA TRP B 36 -9.58 10.70 -8.53
C TRP B 36 -8.32 10.97 -7.71
N VAL B 37 -7.85 9.93 -7.02
CA VAL B 37 -6.70 10.03 -6.13
C VAL B 37 -5.89 8.76 -6.35
N ARG B 38 -4.57 8.86 -6.47
CA ARG B 38 -3.81 7.65 -6.75
C ARG B 38 -2.77 7.39 -5.69
N GLN B 39 -2.28 6.15 -5.65
CA GLN B 39 -1.24 5.79 -4.71
C GLN B 39 -0.27 4.82 -5.38
N ALA B 40 0.96 5.27 -5.60
CA ALA B 40 1.97 4.40 -6.18
C ALA B 40 2.38 3.39 -5.12
N PRO B 41 2.78 2.18 -5.54
CA PRO B 41 3.15 1.10 -4.62
C PRO B 41 4.15 1.53 -3.55
N GLY B 42 3.74 1.41 -2.28
CA GLY B 42 4.59 1.78 -1.16
C GLY B 42 4.67 3.27 -0.87
N LYS B 43 3.96 4.08 -1.63
CA LYS B 43 4.03 5.53 -1.46
C LYS B 43 2.73 6.12 -0.91
N GLY B 44 2.67 7.45 -0.84
CA GLY B 44 1.54 8.13 -0.26
C GLY B 44 0.42 8.39 -1.24
N LEU B 45 -0.65 8.99 -0.74
CA LEU B 45 -1.80 9.37 -1.57
C LEU B 45 -1.47 10.63 -2.37
N GLU B 46 -1.83 10.64 -3.66
CA GLU B 46 -1.60 11.82 -4.49
C GLU B 46 -2.87 12.20 -5.24
N TRP B 47 -3.31 13.44 -5.09
CA TRP B 47 -4.52 13.89 -5.77
C TRP B 47 -4.28 14.01 -7.28
N VAL B 48 -5.26 13.58 -8.08
CA VAL B 48 -5.10 13.55 -9.53
C VAL B 48 -6.00 14.55 -10.26
N ALA B 49 -7.30 14.53 -9.96
CA ALA B 49 -8.25 15.37 -10.67
C ALA B 49 -9.61 15.40 -9.96
N ARG B 50 -10.43 16.39 -10.32
CA ARG B 50 -11.80 16.44 -9.80
C ARG B 50 -12.76 17.07 -10.80
N ILE B 51 -14.03 16.70 -10.67
CA ILE B 51 -15.09 17.28 -11.47
C ILE B 51 -16.30 17.60 -10.59
N TYR B 52 -17.07 18.63 -10.95
CA TYR B 52 -18.38 18.87 -10.37
C TYR B 52 -19.38 18.59 -11.49
N PRO B 53 -19.94 17.37 -11.51
CA PRO B 53 -20.74 16.91 -12.66
C PRO B 53 -21.92 17.82 -13.01
N THR B 54 -22.45 18.55 -12.04
CA THR B 54 -23.59 19.46 -12.28
C THR B 54 -23.28 20.58 -13.28
N ASN B 55 -22.03 21.07 -13.29
CA ASN B 55 -21.69 22.13 -14.22
C ASN B 55 -20.46 21.80 -15.07
N GLY B 56 -19.85 20.64 -14.83
CA GLY B 56 -18.74 20.20 -15.65
C GLY B 56 -17.38 20.82 -15.35
N TYR B 57 -17.31 21.66 -14.32
CA TYR B 57 -16.04 22.25 -13.89
C TYR B 57 -15.03 21.18 -13.47
N THR B 58 -13.80 21.29 -13.98
CA THR B 58 -12.76 20.31 -13.72
C THR B 58 -11.47 20.97 -13.26
N ARG B 59 -10.68 20.26 -12.46
CA ARG B 59 -9.32 20.68 -12.10
CA ARG B 59 -9.33 20.68 -12.08
C ARG B 59 -8.39 19.47 -12.15
N TYR B 60 -7.10 19.71 -12.36
CA TYR B 60 -6.11 18.63 -12.51
C TYR B 60 -4.83 18.90 -11.74
N ALA B 61 -4.16 17.83 -11.32
CA ALA B 61 -2.80 17.94 -10.82
C ALA B 61 -1.90 18.35 -11.99
N ASP B 62 -0.91 19.19 -11.72
CA ASP B 62 0.04 19.65 -12.72
C ASP B 62 0.69 18.47 -13.46
N SER B 63 0.93 17.38 -12.75
CA SER B 63 1.70 16.28 -13.32
C SER B 63 0.92 15.43 -14.32
N VAL B 64 -0.41 15.60 -14.36
CA VAL B 64 -1.22 14.86 -15.33
C VAL B 64 -1.92 15.74 -16.37
N LYS B 65 -1.78 17.07 -16.24
CA LYS B 65 -2.48 18.00 -17.15
C LYS B 65 -2.16 17.71 -18.60
N GLY B 66 -3.19 17.66 -19.45
CA GLY B 66 -2.97 17.38 -20.86
C GLY B 66 -2.88 15.91 -21.24
N ARG B 67 -2.41 15.08 -20.30
CA ARG B 67 -2.30 13.64 -20.51
C ARG B 67 -3.56 12.90 -20.04
N PHE B 68 -4.16 13.36 -18.95
CA PHE B 68 -5.39 12.76 -18.41
C PHE B 68 -6.56 13.76 -18.52
N THR B 69 -7.77 13.22 -18.67
CA THR B 69 -8.99 14.03 -18.64
C THR B 69 -10.06 13.34 -17.79
N ILE B 70 -10.76 14.13 -16.99
CA ILE B 70 -11.85 13.59 -16.18
C ILE B 70 -13.16 14.03 -16.81
N SER B 71 -14.17 13.18 -16.69
CA SER B 71 -15.51 13.50 -17.21
C SER B 71 -16.54 12.75 -16.39
N ALA B 72 -17.80 13.03 -16.65
CA ALA B 72 -18.89 12.39 -15.93
C ALA B 72 -20.11 12.28 -16.83
N ASP B 73 -20.82 11.15 -16.70
CA ASP B 73 -22.10 10.96 -17.36
C ASP B 73 -23.14 10.84 -16.25
N THR B 74 -23.95 11.88 -16.06
CA THR B 74 -24.90 11.86 -14.95
C THR B 74 -26.03 10.85 -15.17
N SER B 75 -26.40 10.62 -16.43
CA SER B 75 -27.44 9.64 -16.73
C SER B 75 -27.02 8.20 -16.37
N LYS B 76 -25.72 7.93 -16.46
CA LYS B 76 -25.19 6.64 -16.02
C LYS B 76 -24.62 6.71 -14.60
N ASN B 77 -24.62 7.92 -14.02
CA ASN B 77 -24.12 8.13 -12.66
C ASN B 77 -22.72 7.57 -12.55
N THR B 78 -21.91 7.84 -13.56
CA THR B 78 -20.58 7.26 -13.67
C THR B 78 -19.59 8.36 -13.99
N ALA B 79 -18.40 8.29 -13.39
CA ALA B 79 -17.31 9.21 -13.74
C ALA B 79 -16.19 8.44 -14.44
N TYR B 80 -15.34 9.16 -15.15
CA TYR B 80 -14.32 8.54 -15.98
C TYR B 80 -12.98 9.24 -15.85
N LEU B 81 -11.89 8.50 -16.10
CA LEU B 81 -10.58 9.12 -16.21
C LEU B 81 -9.89 8.56 -17.44
N GLN B 82 -9.81 9.36 -18.52
CA GLN B 82 -9.03 8.95 -19.70
C GLN B 82 -7.57 9.22 -19.39
N MET B 83 -6.70 8.26 -19.70
CA MET B 83 -5.29 8.41 -19.36
C MET B 83 -4.43 8.12 -20.57
N ASN B 84 -3.80 9.15 -21.13
CA ASN B 84 -2.94 8.93 -22.30
C ASN B 84 -1.49 9.25 -21.99
N SER B 85 -0.60 8.88 -22.92
CA SER B 85 0.81 9.17 -22.80
C SER B 85 1.34 8.66 -21.46
N LEU B 86 0.92 7.48 -21.07
CA LEU B 86 1.21 6.95 -19.74
C LEU B 86 2.70 6.72 -19.53
N ARG B 87 3.13 6.91 -18.29
CA ARG B 87 4.53 6.74 -17.93
C ARG B 87 4.65 5.87 -16.69
N ALA B 88 5.85 5.33 -16.47
CA ALA B 88 6.12 4.43 -15.36
C ALA B 88 5.66 4.99 -14.04
N GLU B 89 5.79 6.31 -13.87
CA GLU B 89 5.45 6.98 -12.62
C GLU B 89 3.95 7.12 -12.41
N ASP B 90 3.16 6.79 -13.45
CA ASP B 90 1.70 6.76 -13.33
C ASP B 90 1.22 5.42 -12.77
N THR B 91 2.12 4.45 -12.64
CA THR B 91 1.78 3.17 -12.01
C THR B 91 1.31 3.43 -10.60
N ALA B 92 0.08 2.99 -10.30
CA ALA B 92 -0.54 3.25 -9.00
C ALA B 92 -1.88 2.55 -8.91
N VAL B 93 -2.39 2.44 -7.70
CA VAL B 93 -3.80 2.15 -7.50
C VAL B 93 -4.57 3.47 -7.60
N TYR B 94 -5.64 3.50 -8.41
CA TYR B 94 -6.42 4.70 -8.64
C TYR B 94 -7.76 4.58 -7.94
N TYR B 95 -8.03 5.51 -7.03
CA TYR B 95 -9.28 5.54 -6.30
C TYR B 95 -10.15 6.69 -6.79
N CYS B 96 -11.45 6.44 -6.85
CA CYS B 96 -12.37 7.53 -7.04
CA CYS B 96 -12.45 7.46 -7.08
C CYS B 96 -13.09 7.78 -5.73
N SER B 97 -13.40 9.04 -5.47
CA SER B 97 -14.07 9.41 -4.22
C SER B 97 -15.04 10.57 -4.46
N ARG B 98 -15.96 10.77 -3.52
CA ARG B 98 -16.87 11.90 -3.59
C ARG B 98 -16.49 12.90 -2.49
N TRP B 99 -16.83 14.15 -2.71
CA TRP B 99 -16.55 15.21 -1.75
C TRP B 99 -17.77 16.14 -1.72
N GLY B 100 -18.20 16.53 -0.53
CA GLY B 100 -19.36 17.40 -0.43
C GLY B 100 -20.67 16.65 -0.33
N GLY B 101 -20.59 15.31 -0.27
CA GLY B 101 -21.78 14.48 -0.17
C GLY B 101 -22.49 14.64 1.17
N ASP B 102 -23.79 14.89 1.14
CA ASP B 102 -24.57 15.14 2.36
C ASP B 102 -24.02 16.34 3.14
N GLY B 103 -23.28 17.20 2.45
CA GLY B 103 -22.73 18.38 3.08
C GLY B 103 -21.44 18.15 3.88
N PHE B 104 -20.85 16.95 3.77
CA PHE B 104 -19.56 16.70 4.42
C PHE B 104 -18.37 17.10 3.57
N TYR B 105 -17.61 18.06 4.06
CA TYR B 105 -16.49 18.61 3.32
C TYR B 105 -15.22 17.77 3.50
N ALA B 106 -15.30 16.54 3.04
CA ALA B 106 -14.17 15.63 3.01
C ALA B 106 -14.59 14.44 2.17
N MET B 107 -13.64 13.57 1.85
CA MET B 107 -13.93 12.40 1.02
C MET B 107 -14.47 11.28 1.89
N ASP B 108 -15.79 11.21 2.02
CA ASP B 108 -16.39 10.28 2.98
C ASP B 108 -16.53 8.86 2.43
N TYR B 109 -16.59 8.76 1.10
CA TYR B 109 -16.68 7.45 0.45
C TYR B 109 -15.66 7.34 -0.67
N TRP B 110 -15.05 6.16 -0.74
CA TRP B 110 -13.99 5.85 -1.69
C TRP B 110 -14.35 4.52 -2.34
N GLY B 111 -13.88 4.28 -3.56
CA GLY B 111 -14.04 2.97 -4.16
C GLY B 111 -12.94 2.04 -3.63
N GLN B 112 -12.91 0.81 -4.10
CA GLN B 112 -11.91 -0.15 -3.65
C GLN B 112 -10.56 0.10 -4.33
N GLY B 113 -10.59 0.80 -5.46
CA GLY B 113 -9.36 1.13 -6.17
C GLY B 113 -9.10 0.17 -7.32
N THR B 114 -8.44 0.66 -8.37
CA THR B 114 -8.11 -0.17 -9.52
C THR B 114 -6.63 0.07 -9.90
N LEU B 115 -5.86 -1.02 -10.01
CA LEU B 115 -4.42 -0.90 -10.23
C LEU B 115 -4.09 -0.65 -11.71
N VAL B 116 -3.27 0.37 -11.96
CA VAL B 116 -2.76 0.62 -13.30
C VAL B 116 -1.26 0.34 -13.30
N THR B 117 -0.82 -0.51 -14.22
CA THR B 117 0.60 -0.84 -14.30
C THR B 117 1.15 -0.40 -15.65
N VAL B 118 2.10 0.53 -15.64
CA VAL B 118 2.71 0.99 -16.88
C VAL B 118 4.07 0.33 -17.06
N SER B 119 4.16 -0.56 -18.05
CA SER B 119 5.36 -1.39 -18.23
C SER B 119 5.42 -1.99 -19.64
N SER B 120 6.64 -2.22 -20.13
CA SER B 120 6.82 -2.86 -21.44
CA SER B 120 6.83 -2.85 -21.43
C SER B 120 6.77 -4.37 -21.30
N ALA B 121 6.78 -4.86 -20.07
CA ALA B 121 6.76 -6.31 -19.84
C ALA B 121 5.41 -6.94 -20.17
N SER B 122 5.43 -8.22 -20.52
CA SER B 122 4.23 -8.96 -20.93
C SER B 122 3.51 -9.62 -19.76
N THR B 123 2.21 -9.85 -19.95
CA THR B 123 1.41 -10.58 -18.96
C THR B 123 1.93 -12.01 -18.82
N LYS B 124 1.87 -12.55 -17.61
CA LYS B 124 2.25 -13.93 -17.37
C LYS B 124 1.46 -14.49 -16.21
N GLY B 125 0.82 -15.63 -16.43
CA GLY B 125 0.10 -16.31 -15.38
C GLY B 125 1.07 -17.00 -14.46
N PRO B 126 0.67 -17.22 -13.18
CA PRO B 126 1.56 -17.84 -12.20
C PRO B 126 1.56 -19.35 -12.30
N SER B 127 2.62 -19.96 -11.79
CA SER B 127 2.63 -21.38 -11.50
C SER B 127 2.27 -21.52 -10.02
N VAL B 128 1.43 -22.49 -9.69
CA VAL B 128 1.03 -22.69 -8.30
C VAL B 128 1.54 -24.03 -7.78
N PHE B 129 2.38 -23.99 -6.75
CA PHE B 129 2.95 -25.20 -6.18
C PHE B 129 2.50 -25.38 -4.73
N PRO B 130 2.36 -26.64 -4.30
CA PRO B 130 1.97 -26.87 -2.90
C PRO B 130 3.13 -26.62 -1.95
N LEU B 131 2.81 -26.17 -0.75
CA LEU B 131 3.73 -26.19 0.37
C LEU B 131 3.16 -27.21 1.32
N ALA B 132 3.53 -28.47 1.10
CA ALA B 132 2.93 -29.59 1.81
C ALA B 132 3.28 -29.58 3.30
N PRO B 133 2.28 -29.83 4.14
CA PRO B 133 2.57 -29.99 5.57
C PRO B 133 3.43 -31.24 5.76
N SER B 134 4.35 -31.19 6.72
CA SER B 134 5.20 -32.34 7.02
C SER B 134 5.64 -32.25 8.48
N SER B 135 6.50 -33.18 8.89
CA SER B 135 7.02 -33.15 10.25
C SER B 135 7.93 -31.94 10.44
N LYS B 136 8.30 -31.29 9.33
CA LYS B 136 9.11 -30.08 9.38
C LYS B 136 8.26 -28.81 9.41
N SER B 137 6.93 -28.94 9.34
CA SER B 137 6.06 -27.78 9.38
C SER B 137 5.02 -27.89 10.50
N THR B 138 5.32 -28.67 11.53
CA THR B 138 4.36 -28.84 12.62
C THR B 138 5.00 -28.66 14.00
N SER B 139 4.24 -28.04 14.92
CA SER B 139 4.64 -28.00 16.33
C SER B 139 3.44 -27.74 17.22
N GLY B 140 3.54 -28.21 18.47
CA GLY B 140 2.49 -28.03 19.45
C GLY B 140 1.10 -28.48 19.02
N GLY B 141 1.03 -29.45 18.10
CA GLY B 141 -0.25 -30.00 17.67
C GLY B 141 -0.92 -29.22 16.55
N THR B 142 -0.22 -28.23 16.00
CA THR B 142 -0.71 -27.53 14.83
C THR B 142 0.30 -27.63 13.69
N ALA B 143 -0.20 -27.63 12.46
CA ALA B 143 0.66 -27.78 11.29
C ALA B 143 0.46 -26.65 10.28
N ALA B 144 1.53 -26.29 9.59
CA ALA B 144 1.48 -25.26 8.55
C ALA B 144 1.55 -25.88 7.17
N LEU B 145 0.79 -25.33 6.25
CA LEU B 145 0.81 -25.76 4.87
C LEU B 145 0.42 -24.55 4.04
N GLY B 146 0.67 -24.60 2.74
CA GLY B 146 0.32 -23.49 1.91
C GLY B 146 0.47 -23.72 0.43
N CYS B 147 0.57 -22.60 -0.29
CA CYS B 147 0.73 -22.59 -1.73
C CYS B 147 1.71 -21.50 -2.11
N LEU B 148 2.65 -21.86 -2.97
CA LEU B 148 3.60 -20.92 -3.52
C LEU B 148 3.09 -20.47 -4.89
N VAL B 149 2.79 -19.18 -5.03
CA VAL B 149 2.26 -18.62 -6.26
C VAL B 149 3.35 -17.85 -6.98
N LYS B 150 3.92 -18.46 -8.01
CA LYS B 150 5.23 -18.01 -8.48
C LYS B 150 5.27 -17.56 -9.94
N ASP B 151 6.08 -16.53 -10.20
CA ASP B 151 6.38 -16.03 -11.54
C ASP B 151 5.16 -15.47 -12.30
N TYR B 152 4.56 -14.40 -11.80
CA TYR B 152 3.45 -13.78 -12.53
C TYR B 152 3.66 -12.27 -12.78
N PHE B 153 2.94 -11.74 -13.75
CA PHE B 153 2.97 -10.31 -14.03
C PHE B 153 1.71 -9.92 -14.78
N PRO B 154 1.11 -8.76 -14.43
CA PRO B 154 1.50 -7.88 -13.34
C PRO B 154 0.79 -8.31 -12.07
N GLU B 155 0.88 -7.50 -11.02
CA GLU B 155 -0.01 -7.62 -9.86
C GLU B 155 -1.43 -7.30 -10.32
N PRO B 156 -2.46 -7.73 -9.56
CA PRO B 156 -2.38 -8.50 -8.33
C PRO B 156 -2.84 -9.94 -8.49
N VAL B 157 -2.57 -10.71 -7.45
CA VAL B 157 -3.04 -12.09 -7.33
C VAL B 157 -3.90 -12.13 -6.08
N THR B 158 -5.01 -12.86 -6.10
CA THR B 158 -5.71 -13.14 -4.84
C THR B 158 -5.66 -14.63 -4.50
N VAL B 159 -5.59 -14.93 -3.20
CA VAL B 159 -5.60 -16.30 -2.73
C VAL B 159 -6.63 -16.44 -1.61
N SER B 160 -7.50 -17.44 -1.72
CA SER B 160 -8.40 -17.78 -0.63
C SER B 160 -8.20 -19.25 -0.30
N TRP B 161 -8.69 -19.68 0.85
CA TRP B 161 -8.64 -21.11 1.18
C TRP B 161 -10.04 -21.70 1.31
N ASN B 162 -10.23 -22.88 0.73
CA ASN B 162 -11.52 -23.56 0.77
C ASN B 162 -12.68 -22.65 0.33
N SER B 163 -12.46 -21.91 -0.75
CA SER B 163 -13.43 -20.98 -1.31
C SER B 163 -13.87 -19.92 -0.29
N GLY B 164 -12.99 -19.57 0.63
CA GLY B 164 -13.26 -18.54 1.62
C GLY B 164 -13.91 -19.07 2.89
N ALA B 165 -14.05 -20.39 3.00
CA ALA B 165 -14.57 -20.98 4.22
C ALA B 165 -13.50 -21.01 5.31
N LEU B 166 -12.24 -21.04 4.88
CA LEU B 166 -11.12 -21.07 5.81
C LEU B 166 -10.40 -19.72 5.84
N THR B 167 -10.61 -18.97 6.92
CA THR B 167 -9.96 -17.67 7.08
C THR B 167 -9.06 -17.57 8.30
N SER B 168 -9.38 -18.30 9.38
CA SER B 168 -8.54 -18.32 10.58
C SER B 168 -7.16 -18.90 10.28
N GLY B 169 -6.13 -18.26 10.81
CA GLY B 169 -4.76 -18.77 10.71
C GLY B 169 -4.12 -18.62 9.34
N VAL B 170 -4.76 -17.87 8.44
CA VAL B 170 -4.24 -17.65 7.10
C VAL B 170 -3.30 -16.44 7.03
N HIS B 171 -2.13 -16.62 6.41
CA HIS B 171 -1.21 -15.53 6.13
C HIS B 171 -0.86 -15.57 4.67
N THR B 172 -1.34 -14.59 3.91
CA THR B 172 -0.98 -14.43 2.52
C THR B 172 0.05 -13.31 2.46
N PHE B 173 1.29 -13.65 2.10
CA PHE B 173 2.35 -12.66 2.12
C PHE B 173 2.24 -11.66 0.98
N PRO B 174 2.68 -10.42 1.21
CA PRO B 174 2.81 -9.46 0.10
C PRO B 174 3.72 -10.05 -0.95
N ALA B 175 3.39 -9.76 -2.21
CA ALA B 175 4.19 -10.21 -3.33
C ALA B 175 5.58 -9.58 -3.30
N VAL B 176 6.55 -10.30 -3.81
CA VAL B 176 7.89 -9.79 -3.94
C VAL B 176 8.29 -9.79 -5.41
N LEU B 177 8.90 -8.69 -5.86
CA LEU B 177 9.43 -8.59 -7.21
C LEU B 177 10.76 -9.33 -7.30
N GLN B 178 10.79 -10.39 -8.09
CA GLN B 178 12.01 -11.17 -8.26
C GLN B 178 12.94 -10.48 -9.24
N SER B 179 14.17 -10.97 -9.32
CA SER B 179 15.16 -10.41 -10.22
C SER B 179 14.74 -10.51 -11.69
N SER B 180 14.02 -11.58 -12.00
CA SER B 180 13.48 -11.87 -13.33
C SER B 180 12.47 -10.84 -13.80
N GLY B 181 11.95 -10.03 -12.89
CA GLY B 181 10.93 -9.06 -13.22
C GLY B 181 9.54 -9.59 -12.95
N LEU B 182 9.47 -10.82 -12.47
CA LEU B 182 8.19 -11.45 -12.19
C LEU B 182 7.92 -11.47 -10.69
N TYR B 183 6.65 -11.47 -10.31
CA TYR B 183 6.29 -11.50 -8.90
C TYR B 183 6.12 -12.92 -8.39
N SER B 184 6.23 -13.05 -7.07
CA SER B 184 5.98 -14.31 -6.40
C SER B 184 5.45 -14.04 -4.99
N LEU B 185 4.52 -14.89 -4.53
CA LEU B 185 4.10 -14.84 -3.14
C LEU B 185 3.77 -16.22 -2.61
N SER B 186 3.67 -16.33 -1.30
CA SER B 186 3.15 -17.53 -0.67
C SER B 186 1.94 -17.18 0.18
N SER B 187 1.04 -18.14 0.30
CA SER B 187 -0.04 -18.06 1.26
C SER B 187 0.04 -19.33 2.11
N VAL B 188 0.05 -19.17 3.43
CA VAL B 188 0.11 -20.30 4.34
C VAL B 188 -1.06 -20.27 5.30
N VAL B 189 -1.38 -21.44 5.83
CA VAL B 189 -2.41 -21.56 6.83
C VAL B 189 -2.00 -22.57 7.88
N THR B 190 -2.31 -22.26 9.13
CA THR B 190 -2.04 -23.16 10.24
C THR B 190 -3.32 -23.84 10.70
N VAL B 191 -3.28 -25.18 10.83
CA VAL B 191 -4.46 -25.97 11.12
C VAL B 191 -4.12 -27.05 12.14
N PRO B 192 -5.15 -27.68 12.74
CA PRO B 192 -4.84 -28.78 13.69
C PRO B 192 -4.11 -29.94 13.00
N SER B 193 -3.04 -30.42 13.62
CA SER B 193 -2.33 -31.61 13.13
C SER B 193 -3.27 -32.75 12.81
N SER B 194 -4.24 -32.98 13.70
CA SER B 194 -5.15 -34.11 13.56
C SER B 194 -6.11 -33.99 12.39
N SER B 195 -6.22 -32.79 11.81
CA SER B 195 -7.14 -32.60 10.69
C SER B 195 -6.49 -33.02 9.37
N LEU B 196 -5.18 -33.22 9.39
CA LEU B 196 -4.47 -33.56 8.15
C LEU B 196 -4.86 -34.94 7.66
N GLY B 197 -5.36 -35.00 6.43
CA GLY B 197 -5.80 -36.26 5.84
C GLY B 197 -7.30 -36.46 5.94
N THR B 198 -7.95 -35.70 6.81
CA THR B 198 -9.41 -35.79 6.93
C THR B 198 -10.08 -34.53 6.39
N GLN B 199 -9.46 -33.38 6.63
CA GLN B 199 -9.97 -32.13 6.10
C GLN B 199 -9.22 -31.76 4.83
N THR B 200 -9.99 -31.51 3.77
CA THR B 200 -9.43 -31.07 2.50
C THR B 200 -9.01 -29.61 2.59
N TYR B 201 -7.81 -29.33 2.09
CA TYR B 201 -7.33 -27.96 2.05
C TYR B 201 -6.97 -27.60 0.62
N ILE B 202 -7.63 -26.58 0.10
CA ILE B 202 -7.43 -26.14 -1.28
C ILE B 202 -7.20 -24.64 -1.31
N CYS B 203 -6.14 -24.20 -1.96
CA CYS B 203 -5.94 -22.77 -2.16
C CYS B 203 -6.53 -22.36 -3.51
N ASN B 204 -7.31 -21.29 -3.51
CA ASN B 204 -7.90 -20.79 -4.75
C ASN B 204 -7.16 -19.55 -5.20
N VAL B 205 -6.40 -19.68 -6.28
CA VAL B 205 -5.59 -18.58 -6.77
C VAL B 205 -6.25 -17.96 -8.00
N ASN B 206 -6.43 -16.65 -7.98
CA ASN B 206 -6.97 -15.95 -9.14
C ASN B 206 -6.00 -14.88 -9.60
N HIS B 207 -5.54 -15.00 -10.84
CA HIS B 207 -4.79 -13.92 -11.49
C HIS B 207 -5.61 -13.41 -12.66
N LYS B 208 -6.42 -12.40 -12.38
CA LYS B 208 -7.27 -11.79 -13.40
C LYS B 208 -6.54 -11.29 -14.65
N PRO B 209 -5.40 -10.60 -14.50
CA PRO B 209 -4.72 -10.10 -15.71
C PRO B 209 -4.34 -11.17 -16.75
N SER B 210 -4.14 -12.42 -16.33
CA SER B 210 -3.83 -13.48 -17.28
C SER B 210 -5.01 -14.42 -17.42
N ASN B 211 -6.14 -14.04 -16.82
CA ASN B 211 -7.30 -14.91 -16.74
C ASN B 211 -7.01 -16.28 -16.14
N THR B 212 -6.08 -16.32 -15.19
CA THR B 212 -5.68 -17.56 -14.55
C THR B 212 -6.47 -17.79 -13.27
N LYS B 213 -7.10 -18.96 -13.19
CA LYS B 213 -7.81 -19.35 -11.97
C LYS B 213 -7.42 -20.79 -11.66
N VAL B 214 -6.85 -20.99 -10.48
CA VAL B 214 -6.28 -22.28 -10.11
C VAL B 214 -6.71 -22.70 -8.70
N ASP B 215 -7.24 -23.91 -8.59
CA ASP B 215 -7.60 -24.50 -7.30
C ASP B 215 -6.64 -25.63 -7.01
N LYS B 216 -5.75 -25.43 -6.04
CA LYS B 216 -4.69 -26.39 -5.76
C LYS B 216 -4.84 -27.09 -4.40
N LYS B 217 -5.13 -28.38 -4.46
CA LYS B 217 -5.27 -29.22 -3.27
C LYS B 217 -3.89 -29.46 -2.67
N VAL B 218 -3.76 -29.21 -1.37
CA VAL B 218 -2.48 -29.38 -0.71
C VAL B 218 -2.54 -30.56 0.25
N GLU B 219 -1.60 -31.49 0.10
CA GLU B 219 -1.58 -32.73 0.88
C GLU B 219 -0.21 -33.05 1.44
N PRO B 220 -0.15 -33.84 2.53
CA PRO B 220 1.13 -34.36 3.00
C PRO B 220 1.76 -35.25 1.93
N LYS B 221 3.07 -35.19 1.74
CA LYS B 221 3.71 -35.99 0.69
C LYS B 221 3.95 -37.43 1.15
N GLY C 1 -22.25 14.43 -29.84
CA GLY C 1 -22.82 15.77 -29.89
C GLY C 1 -22.12 16.67 -30.89
N SER C 2 -22.48 17.95 -30.89
CA SER C 2 -21.92 18.90 -31.84
C SER C 2 -20.69 19.62 -31.30
N TYR C 3 -19.94 20.27 -32.18
CA TYR C 3 -18.72 20.96 -31.79
C TYR C 3 -18.58 22.33 -32.48
N ASN C 4 -17.85 23.24 -31.85
CA ASN C 4 -17.52 24.52 -32.48
C ASN C 4 -16.30 24.34 -33.39
N LYS C 5 -15.99 25.38 -34.16
CA LYS C 5 -14.90 25.27 -35.15
C LYS C 5 -13.50 25.15 -34.53
N ASP C 6 -13.37 25.49 -33.25
CA ASP C 6 -12.11 25.30 -32.53
CA ASP C 6 -12.12 25.31 -32.52
C ASP C 6 -11.91 23.83 -32.16
N GLN C 7 -12.96 23.21 -31.65
CA GLN C 7 -12.91 21.80 -31.28
C GLN C 7 -12.68 20.91 -32.50
N GLN C 8 -13.34 21.25 -33.60
CA GLN C 8 -13.18 20.55 -34.86
C GLN C 8 -11.73 20.60 -35.29
N SER C 9 -11.08 21.73 -35.00
CA SER C 9 -9.70 21.97 -35.41
C SER C 9 -8.74 21.12 -34.60
N ALA C 10 -9.04 20.94 -33.32
CA ALA C 10 -8.22 20.13 -32.44
C ALA C 10 -8.27 18.65 -32.86
N PHE C 11 -9.47 18.13 -33.12
CA PHE C 11 -9.66 16.79 -33.67
C PHE C 11 -8.78 16.61 -34.90
N TYR C 12 -8.90 17.55 -35.83
CA TYR C 12 -8.22 17.49 -37.12
C TYR C 12 -6.69 17.36 -36.97
N GLU C 13 -6.08 18.16 -36.09
CA GLU C 13 -4.64 18.04 -35.86
C GLU C 13 -4.23 16.66 -35.36
N ILE C 14 -4.95 16.15 -34.36
CA ILE C 14 -4.63 14.83 -33.82
C ILE C 14 -4.90 13.72 -34.84
N LEU C 15 -6.02 13.84 -35.54
CA LEU C 15 -6.40 12.86 -36.55
C LEU C 15 -5.28 12.67 -37.57
N ASN C 16 -4.59 13.75 -37.91
CA ASN C 16 -3.56 13.73 -38.95
C ASN C 16 -2.13 13.41 -38.50
N MET C 17 -1.89 13.28 -37.19
CA MET C 17 -0.53 12.99 -36.68
C MET C 17 0.00 11.64 -37.15
N PRO C 18 1.15 11.66 -37.85
CA PRO C 18 1.67 10.47 -38.54
C PRO C 18 2.38 9.46 -37.66
N ASN C 19 2.83 9.85 -36.46
CA ASN C 19 3.63 8.97 -35.61
C ASN C 19 2.87 8.38 -34.42
N LEU C 20 1.61 8.76 -34.23
CA LEU C 20 0.77 8.12 -33.21
C LEU C 20 0.26 6.78 -33.73
N ASN C 21 0.11 5.80 -32.84
CA ASN C 21 -0.60 4.57 -33.22
C ASN C 21 -2.10 4.79 -33.00
N GLU C 22 -2.94 3.83 -33.41
CA GLU C 22 -4.39 4.09 -33.38
C GLU C 22 -4.97 4.16 -31.95
N ALA C 23 -4.33 3.46 -31.01
CA ALA C 23 -4.74 3.51 -29.63
C ALA C 23 -4.50 4.92 -29.06
N GLN C 24 -3.34 5.46 -29.36
CA GLN C 24 -2.98 6.79 -28.86
C GLN C 24 -3.83 7.86 -29.53
N ARG C 25 -3.97 7.78 -30.86
CA ARG C 25 -4.78 8.74 -31.59
C ARG C 25 -6.21 8.81 -31.04
N ASN C 26 -6.86 7.66 -30.89
CA ASN C 26 -8.22 7.64 -30.36
C ASN C 26 -8.31 8.02 -28.87
N GLY C 27 -7.29 7.67 -28.11
CA GLY C 27 -7.21 8.09 -26.71
C GLY C 27 -7.24 9.61 -26.55
N PHE C 28 -6.41 10.29 -27.34
CA PHE C 28 -6.38 11.76 -27.33
C PHE C 28 -7.65 12.37 -27.91
N ILE C 29 -8.19 11.76 -28.97
CA ILE C 29 -9.47 12.26 -29.46
C ILE C 29 -10.55 12.17 -28.36
N GLN C 30 -10.56 11.05 -27.65
CA GLN C 30 -11.50 10.84 -26.55
C GLN C 30 -11.32 11.91 -25.47
N SER C 31 -10.07 12.27 -25.17
CA SER C 31 -9.79 13.31 -24.19
C SER C 31 -10.35 14.67 -24.60
N LEU C 32 -10.26 14.98 -25.91
CA LEU C 32 -10.81 16.22 -26.44
C LEU C 32 -12.30 16.28 -26.21
N LYS C 33 -12.99 15.15 -26.41
CA LYS C 33 -14.42 15.07 -26.19
C LYS C 33 -14.73 15.17 -24.70
N ASP C 34 -13.90 14.52 -23.89
CA ASP C 34 -14.11 14.45 -22.45
C ASP C 34 -14.18 15.82 -21.81
N ASP C 35 -13.21 16.66 -22.12
CA ASP C 35 -13.02 17.92 -21.40
C ASP C 35 -12.53 19.01 -22.35
N PRO C 36 -13.45 19.67 -23.05
CA PRO C 36 -13.13 20.77 -23.97
C PRO C 36 -12.22 21.84 -23.33
N SER C 37 -12.38 22.12 -22.04
CA SER C 37 -11.53 23.11 -21.36
C SER C 37 -10.03 22.75 -21.39
N GLN C 38 -9.71 21.50 -21.71
CA GLN C 38 -8.32 21.04 -21.71
C GLN C 38 -7.74 20.93 -23.11
N SER C 39 -8.48 21.41 -24.10
CA SER C 39 -8.11 21.23 -25.49
C SER C 39 -6.65 21.56 -25.77
N THR C 40 -6.20 22.73 -25.33
CA THR C 40 -4.84 23.17 -25.59
C THR C 40 -3.78 22.28 -24.94
N ASN C 41 -3.99 21.90 -23.68
CA ASN C 41 -3.07 21.01 -22.97
C ASN C 41 -3.01 19.64 -23.64
N VAL C 42 -4.17 19.14 -24.04
CA VAL C 42 -4.29 17.84 -24.67
C VAL C 42 -3.56 17.81 -26.01
N LEU C 43 -3.74 18.86 -26.81
CA LEU C 43 -3.06 18.94 -28.10
CA LEU C 43 -3.05 18.96 -28.10
C LEU C 43 -1.54 19.00 -27.89
N GLY C 44 -1.10 19.74 -26.88
CA GLY C 44 0.30 19.87 -26.57
C GLY C 44 0.95 18.53 -26.23
N GLU C 45 0.28 17.74 -25.39
CA GLU C 45 0.77 16.42 -25.03
C GLU C 45 0.77 15.46 -26.22
N ALA C 46 -0.29 15.49 -27.03
CA ALA C 46 -0.34 14.68 -28.23
C ALA C 46 0.81 15.03 -29.18
N LYS C 47 1.11 16.33 -29.31
CA LYS C 47 2.21 16.77 -30.16
CA LYS C 47 2.21 16.76 -30.15
C LYS C 47 3.56 16.25 -29.64
N LYS C 48 3.76 16.35 -28.32
CA LYS C 48 5.00 15.85 -27.72
C LYS C 48 5.15 14.35 -27.97
N LEU C 49 4.05 13.61 -27.84
CA LEU C 49 4.08 12.17 -28.04
C LEU C 49 4.40 11.88 -29.50
N ASN C 50 3.70 12.58 -30.39
CA ASN C 50 3.93 12.45 -31.82
C ASN C 50 5.39 12.69 -32.18
N GLU C 51 5.95 13.80 -31.70
CA GLU C 51 7.34 14.14 -31.99
CA GLU C 51 7.35 14.14 -31.97
C GLU C 51 8.33 13.10 -31.45
N SER C 52 8.06 12.56 -30.27
CA SER C 52 8.99 11.59 -29.68
C SER C 52 8.99 10.22 -30.39
N GLN C 53 7.91 9.92 -31.11
CA GLN C 53 7.82 8.66 -31.85
C GLN C 53 8.11 8.82 -33.36
N ALA C 54 8.73 9.95 -33.72
CA ALA C 54 9.13 10.19 -35.11
C ALA C 54 10.24 9.23 -35.54
N SER D 1 20.59 14.70 3.79
CA SER D 1 20.25 13.55 2.96
C SER D 1 18.91 12.93 3.32
N GLU D 2 18.88 11.61 3.42
CA GLU D 2 17.71 10.93 4.00
C GLU D 2 18.13 10.13 5.23
N VAL D 3 18.12 10.78 6.37
CA VAL D 3 18.37 10.10 7.63
C VAL D 3 17.06 9.84 8.35
N THR D 4 17.13 8.95 9.32
CA THR D 4 16.00 8.65 10.16
C THR D 4 16.46 8.90 11.57
N ILE D 5 15.89 9.91 12.21
CA ILE D 5 16.15 10.13 13.64
CA ILE D 5 16.14 10.14 13.64
C ILE D 5 15.18 9.28 14.45
N LYS D 6 15.73 8.39 15.28
CA LYS D 6 14.90 7.53 16.10
C LYS D 6 14.76 8.15 17.47
N VAL D 7 13.55 8.11 18.01
CA VAL D 7 13.26 8.78 19.26
C VAL D 7 12.51 7.87 20.23
N ASN D 8 12.99 7.77 21.46
CA ASN D 8 12.25 7.13 22.54
C ASN D 8 11.47 8.18 23.32
N LEU D 9 10.15 8.00 23.40
CA LEU D 9 9.31 8.93 24.12
C LEU D 9 8.97 8.29 25.46
N ILE D 10 9.49 8.89 26.53
CA ILE D 10 9.42 8.30 27.85
C ILE D 10 8.57 9.18 28.74
N PHE D 11 7.38 8.69 29.06
CA PHE D 11 6.39 9.49 29.77
C PHE D 11 6.51 9.33 31.28
N ALA D 12 5.86 10.23 32.01
CA ALA D 12 6.00 10.29 33.46
C ALA D 12 5.53 9.01 34.15
N ASP D 13 4.54 8.34 33.58
CA ASP D 13 4.00 7.14 34.21
C ASP D 13 4.75 5.88 33.78
N GLY D 14 5.91 6.04 33.15
CA GLY D 14 6.72 4.91 32.75
C GLY D 14 6.41 4.38 31.36
N LYS D 15 5.32 4.84 30.76
CA LYS D 15 4.99 4.41 29.42
C LYS D 15 6.05 4.86 28.43
N ILE D 16 6.35 4.00 27.45
CA ILE D 16 7.32 4.30 26.42
C ILE D 16 6.75 4.11 25.02
N GLN D 17 6.95 5.12 24.17
CA GLN D 17 6.60 5.03 22.76
C GLN D 17 7.87 5.32 21.98
N THR D 18 7.94 4.84 20.75
CA THR D 18 9.08 5.11 19.91
C THR D 18 8.60 5.73 18.60
N ALA D 19 9.40 6.62 18.05
CA ALA D 19 8.99 7.37 16.87
C ALA D 19 10.17 7.51 15.93
N GLU D 20 9.88 7.69 14.65
CA GLU D 20 10.92 8.00 13.68
C GLU D 20 10.61 9.30 12.93
N PHE D 21 11.63 10.12 12.73
CA PHE D 21 11.51 11.37 11.95
C PHE D 21 12.48 11.28 10.76
N LYS D 22 11.95 11.48 9.56
CA LYS D 22 12.74 11.29 8.36
C LYS D 22 12.95 12.61 7.62
N GLY D 23 14.05 12.72 6.90
CA GLY D 23 14.35 13.92 6.17
C GLY D 23 15.85 14.16 6.22
N THR D 24 16.30 15.36 5.84
CA THR D 24 17.70 15.73 6.06
C THR D 24 17.87 15.80 7.58
N PHE D 25 19.13 15.67 8.03
CA PHE D 25 19.41 15.70 9.45
C PHE D 25 18.79 16.92 10.14
N GLU D 26 18.95 18.07 9.51
CA GLU D 26 18.50 19.32 10.11
C GLU D 26 16.97 19.41 10.16
N GLU D 27 16.30 18.97 9.09
CA GLU D 27 14.84 18.95 9.07
C GLU D 27 14.27 17.97 10.09
N ALA D 28 14.81 16.76 10.12
CA ALA D 28 14.38 15.73 11.05
C ALA D 28 14.54 16.21 12.51
N THR D 29 15.68 16.82 12.80
CA THR D 29 15.98 17.38 14.11
C THR D 29 14.93 18.38 14.54
N ALA D 30 14.75 19.40 13.71
CA ALA D 30 13.74 20.42 13.95
C ALA D 30 12.37 19.78 14.19
N GLU D 31 12.01 18.79 13.38
CA GLU D 31 10.72 18.13 13.52
CA GLU D 31 10.72 18.12 13.52
C GLU D 31 10.58 17.35 14.85
N ALA D 32 11.66 16.68 15.27
CA ALA D 32 11.65 15.98 16.56
C ALA D 32 11.50 16.95 17.73
N TYR D 33 12.22 18.06 17.71
CA TYR D 33 12.08 19.05 18.78
C TYR D 33 10.70 19.71 18.80
N ARG D 34 10.15 19.97 17.62
CA ARG D 34 8.80 20.54 17.52
C ARG D 34 7.75 19.57 18.09
N TYR D 35 7.89 18.28 17.75
CA TYR D 35 6.99 17.25 18.25
C TYR D 35 7.05 17.15 19.78
N ALA D 36 8.28 17.13 20.30
CA ALA D 36 8.51 17.13 21.75
C ALA D 36 7.82 18.31 22.43
N ALA D 37 7.94 19.49 21.83
CA ALA D 37 7.33 20.69 22.41
C ALA D 37 5.81 20.54 22.44
N LEU D 38 5.25 20.00 21.36
CA LEU D 38 3.82 19.79 21.29
C LEU D 38 3.35 18.84 22.38
N LEU D 39 3.98 17.66 22.48
CA LEU D 39 3.62 16.66 23.48
C LEU D 39 3.77 17.18 24.91
N ALA D 40 4.70 18.12 25.10
CA ALA D 40 4.96 18.65 26.43
C ALA D 40 3.78 19.48 26.95
N LYS D 41 2.97 20.02 26.05
CA LYS D 41 1.76 20.75 26.45
C LYS D 41 0.80 19.90 27.29
N VAL D 42 0.79 18.60 27.02
CA VAL D 42 -0.12 17.68 27.70
C VAL D 42 0.63 16.83 28.72
N ASN D 43 1.89 16.52 28.41
CA ASN D 43 2.64 15.52 29.17
C ASN D 43 3.69 16.10 30.10
N GLY D 44 3.76 17.42 30.17
CA GLY D 44 4.73 18.08 31.01
C GLY D 44 6.01 18.40 30.27
N GLU D 45 6.80 19.31 30.85
CA GLU D 45 8.08 19.76 30.29
C GLU D 45 8.95 18.61 29.83
N TYR D 46 9.58 18.75 28.67
CA TYR D 46 10.40 17.68 28.12
C TYR D 46 11.89 17.91 28.35
N THR D 47 12.65 16.83 28.36
CA THR D 47 14.09 16.90 28.33
C THR D 47 14.55 15.95 27.22
N ALA D 48 15.39 16.45 26.32
CA ALA D 48 15.90 15.64 25.22
C ALA D 48 17.39 15.33 25.40
N ASP D 49 17.71 14.05 25.51
CA ASP D 49 19.10 13.63 25.55
C ASP D 49 19.45 13.06 24.21
N LEU D 50 20.54 13.54 23.62
CA LEU D 50 20.94 13.05 22.31
C LEU D 50 22.04 12.00 22.40
N GLU D 51 21.92 10.96 21.56
CA GLU D 51 22.95 9.95 21.42
C GLU D 51 23.24 9.74 19.94
N ASP D 52 24.32 9.01 19.66
CA ASP D 52 24.71 8.68 18.28
C ASP D 52 24.79 9.92 17.38
N GLY D 53 25.58 10.91 17.80
CA GLY D 53 25.76 12.14 17.04
C GLY D 53 24.47 12.87 16.67
N GLY D 54 23.45 12.73 17.52
CA GLY D 54 22.17 13.37 17.30
C GLY D 54 21.14 12.53 16.55
N ASN D 55 21.54 11.34 16.08
CA ASN D 55 20.66 10.46 15.29
C ASN D 55 19.71 9.63 16.14
N HIS D 56 19.92 9.67 17.45
CA HIS D 56 19.02 9.03 18.39
C HIS D 56 18.73 9.99 19.52
N MET D 57 17.48 10.08 19.91
CA MET D 57 17.09 10.94 21.01
C MET D 57 16.32 10.17 22.06
N ASN D 58 16.52 10.50 23.32
CA ASN D 58 15.65 10.07 24.40
C ASN D 58 14.96 11.30 24.96
N ILE D 59 13.64 11.32 24.86
CA ILE D 59 12.87 12.48 25.29
C ILE D 59 11.94 12.08 26.44
N LYS D 60 12.16 12.69 27.61
CA LYS D 60 11.35 12.40 28.80
C LYS D 60 10.40 13.54 29.13
N PHE D 61 9.19 13.20 29.55
CA PHE D 61 8.21 14.22 29.93
C PHE D 61 7.97 14.23 31.46
N ALA D 62 8.00 15.41 32.04
CA ALA D 62 7.93 15.57 33.51
C ALA D 62 6.60 15.15 34.13
N GLY D 63 5.54 15.15 33.34
CA GLY D 63 4.21 14.83 33.85
C GLY D 63 3.31 16.05 33.95
CL CL E . -6.57 22.63 -13.69
#